data_5EAB
#
_entry.id   5EAB
#
_cell.length_a   80.700
_cell.length_b   67.230
_cell.length_c   81.630
_cell.angle_alpha   90.000
_cell.angle_beta   100.500
_cell.angle_gamma   90.000
#
_symmetry.space_group_name_H-M   'P 1 21 1'
#
loop_
_entity.id
_entity.type
_entity.pdbx_description
1 polymer 'Lanosterol 14-alpha demethylase'
2 non-polymer 'PROTOPORPHYRIN IX CONTAINING FE'
3 non-polymer (3~{S})-1-(4-chlorophenyl)-4,4-dimethyl-3-(1,2,4-triazol-1-ylmethyl)pentan-3-ol
#
_entity_poly.entity_id   1
_entity_poly.type   'polypeptide(L)'
_entity_poly.pdbx_seq_one_letter_code
;MSATKSIVGEALEYVNIGLSHFLALPLAQRISLIIIIPFIYNIVWQLLYSLRKDRPPLVFYWIPWVGSAVVYGMKPYEFF
EECQKKYGDIFSFVLLGRVMTVYLGPKGHEFVFNAKLADVSAEAAYAHLTTPVFGKGVIYDCPNSRLMEQKKFVKGALTK
EAFKSYVPLIAEEVYKYFRDSKNFRLNERTTGTIDVMVTQPEMTIFTASRSLLGKEMRAKLDTDFAYLYSDLDKGFTPIN
FVFPNLPLEHYRKRDHAQKAISGTYMSLIKERRKNNDIQDRDLIDSLMKNSTYKDGVKMTDQEIANLLIGVLMGGQHTSA
ATSAWILLHLAERPDVQQELYEEQMRVLDGGKKELTYDLLQEMPLLNQTIKETLRMHHPLHSLFRKVMKDMHVPNTSYVI
PAGYHVLVSPGYTHLRDEYFPNAHQFNIHRWNNDSASSYSVGEEVDYGFGAISKGVSSPYLPFGGGRHRCIGEHFAYCQL
GVLMSIFIRTLKWHYPEGKTVPPPDFTSMVTLPTGPAKIIWEKRNPEQKIGGRHHHHHH
;
_entity_poly.pdbx_strand_id   A
#
loop_
_chem_comp.id
_chem_comp.type
_chem_comp.name
_chem_comp.formula
HEM non-polymer 'PROTOPORPHYRIN IX CONTAINING FE' 'C34 H32 Fe N4 O4'
TBX non-polymer (3~{S})-1-(4-chlorophenyl)-4,4-dimethyl-3-(1,2,4-triazol-1-ylmethyl)pentan-3-ol 'C16 H22 Cl N3 O'
#
# COMPACT_ATOMS: atom_id res chain seq x y z
N VAL A 8 28.94 32.12 -48.25
CA VAL A 8 27.83 32.90 -47.69
C VAL A 8 27.75 32.79 -46.17
N GLY A 9 28.57 33.60 -45.51
CA GLY A 9 28.33 33.95 -44.13
C GLY A 9 27.14 34.88 -44.18
N GLU A 10 26.85 35.31 -45.41
CA GLU A 10 25.57 35.89 -45.78
C GLU A 10 24.39 34.96 -45.44
N ALA A 11 24.67 33.69 -45.22
CA ALA A 11 23.64 32.81 -44.68
C ALA A 11 23.62 32.98 -43.16
N LEU A 12 24.79 33.20 -42.57
CA LEU A 12 24.88 33.49 -41.15
C LEU A 12 24.32 34.89 -40.83
N GLU A 13 24.42 35.81 -41.79
CA GLU A 13 23.75 37.11 -41.69
C GLU A 13 22.26 36.89 -41.52
N TYR A 14 21.75 35.79 -42.08
CA TYR A 14 20.30 35.57 -42.11
C TYR A 14 19.77 34.78 -40.93
N VAL A 15 20.55 33.83 -40.40
CA VAL A 15 20.14 33.26 -39.13
C VAL A 15 20.00 34.42 -38.13
N ASN A 16 20.96 35.35 -38.16
CA ASN A 16 20.89 36.61 -37.40
C ASN A 16 19.60 37.37 -37.69
N ILE A 17 19.43 37.80 -38.95
CA ILE A 17 18.21 38.51 -39.34
C ILE A 17 16.94 37.77 -38.95
N GLY A 18 16.93 36.46 -39.20
CA GLY A 18 15.75 35.66 -38.94
C GLY A 18 15.46 35.63 -37.47
N LEU A 19 16.52 35.50 -36.68
CA LEU A 19 16.43 35.55 -35.22
C LEU A 19 15.75 36.83 -34.77
N SER A 20 16.06 37.93 -35.45
CA SER A 20 15.49 39.21 -35.06
C SER A 20 14.01 39.22 -35.40
N HIS A 21 13.67 38.77 -36.61
CA HIS A 21 12.26 38.71 -37.01
C HIS A 21 11.42 37.78 -36.11
N PHE A 22 12.04 36.74 -35.57
CA PHE A 22 11.33 35.87 -34.63
C PHE A 22 10.92 36.66 -33.39
N LEU A 23 11.90 37.31 -32.77
CA LEU A 23 11.67 38.08 -31.54
C LEU A 23 10.70 39.24 -31.76
N ALA A 24 10.44 39.57 -33.03
CA ALA A 24 9.64 40.73 -33.40
C ALA A 24 8.23 40.46 -33.90
N LEU A 25 7.83 39.20 -34.07
CA LEU A 25 6.51 38.88 -34.60
C LEU A 25 5.43 38.83 -33.49
N PRO A 26 4.15 39.06 -33.87
CA PRO A 26 3.03 39.19 -32.93
C PRO A 26 2.99 38.12 -31.84
N LEU A 27 2.46 38.46 -30.67
CA LEU A 27 2.32 37.50 -29.59
C LEU A 27 1.53 36.26 -30.00
N ALA A 28 0.58 36.46 -30.91
CA ALA A 28 -0.20 35.37 -31.48
C ALA A 28 0.70 34.20 -31.85
N GLN A 29 1.58 34.45 -32.80
CA GLN A 29 2.42 33.41 -33.35
C GLN A 29 3.50 32.97 -32.36
N ARG A 30 3.90 33.85 -31.45
CA ARG A 30 5.02 33.53 -30.55
C ARG A 30 4.61 32.45 -29.56
N ILE A 31 3.42 32.58 -28.97
CA ILE A 31 2.89 31.60 -28.03
C ILE A 31 2.63 30.32 -28.80
N SER A 32 2.02 30.52 -29.97
CA SER A 32 1.79 29.44 -30.91
C SER A 32 3.09 28.68 -31.20
N LEU A 33 4.21 29.39 -31.26
CA LEU A 33 5.49 28.74 -31.48
C LEU A 33 6.03 28.13 -30.19
N ILE A 34 5.76 28.78 -29.06
CA ILE A 34 6.17 28.29 -27.75
C ILE A 34 5.45 26.96 -27.46
N ILE A 35 4.31 26.77 -28.12
CA ILE A 35 3.62 25.50 -28.07
C ILE A 35 4.16 24.52 -29.12
N ILE A 36 4.16 24.94 -30.38
CA ILE A 36 4.38 24.01 -31.49
C ILE A 36 5.84 23.52 -31.59
N ILE A 37 6.77 24.27 -31.00
CA ILE A 37 8.18 23.86 -31.05
C ILE A 37 8.46 22.70 -30.08
N PRO A 38 8.00 22.78 -28.82
CA PRO A 38 8.18 21.61 -27.95
C PRO A 38 7.38 20.37 -28.42
N PHE A 39 6.20 20.60 -28.98
CA PHE A 39 5.40 19.51 -29.53
C PHE A 39 6.14 18.82 -30.65
N ILE A 40 6.69 19.61 -31.57
CA ILE A 40 7.42 19.06 -32.69
C ILE A 40 8.69 18.38 -32.22
N TYR A 41 9.40 19.02 -31.30
CA TYR A 41 10.67 18.50 -30.84
C TYR A 41 10.58 17.10 -30.22
N ASN A 42 9.68 16.93 -29.26
CA ASN A 42 9.59 15.67 -28.55
C ASN A 42 9.13 14.53 -29.46
N ILE A 43 8.28 14.83 -30.42
CA ILE A 43 7.84 13.84 -31.40
C ILE A 43 9.03 13.36 -32.22
N VAL A 44 9.89 14.29 -32.61
CA VAL A 44 11.10 13.91 -33.32
C VAL A 44 12.04 13.12 -32.42
N TRP A 45 12.23 13.61 -31.20
CA TRP A 45 13.11 12.99 -30.22
C TRP A 45 12.80 11.50 -30.03
N GLN A 46 11.52 11.17 -29.93
CA GLN A 46 11.09 9.78 -29.71
C GLN A 46 11.52 8.89 -30.87
N LEU A 47 11.28 9.35 -32.10
CA LEU A 47 11.64 8.57 -33.28
C LEU A 47 13.13 8.25 -33.30
N LEU A 48 13.94 9.17 -32.80
CA LEU A 48 15.37 8.95 -32.66
C LEU A 48 15.64 7.88 -31.60
N TYR A 49 14.88 7.97 -30.51
CA TYR A 49 15.05 7.08 -29.36
C TYR A 49 14.77 5.64 -29.74
N SER A 50 13.80 5.45 -30.63
CA SER A 50 13.36 4.13 -31.05
C SER A 50 14.44 3.38 -31.84
N LEU A 51 15.49 4.10 -32.19
CA LEU A 51 16.61 3.52 -32.92
C LEU A 51 17.63 2.92 -31.97
N ARG A 52 17.87 3.59 -30.84
CA ARG A 52 18.69 3.05 -29.77
C ARG A 52 18.22 1.66 -29.37
N LYS A 53 19.16 0.74 -29.19
CA LYS A 53 18.79 -0.59 -28.70
C LYS A 53 19.63 -0.99 -27.50
N ASP A 54 20.16 0.02 -26.81
CA ASP A 54 20.58 -0.17 -25.43
C ASP A 54 19.50 0.42 -24.52
N ARG A 55 18.34 0.73 -25.13
CA ARG A 55 17.18 1.27 -24.43
C ARG A 55 15.93 0.45 -24.74
N PRO A 56 15.11 0.17 -23.72
CA PRO A 56 13.87 -0.56 -23.94
C PRO A 56 12.88 0.32 -24.66
N PRO A 57 11.93 -0.27 -25.40
CA PRO A 57 10.99 0.51 -26.20
C PRO A 57 10.22 1.51 -25.37
N LEU A 58 10.18 2.76 -25.83
CA LEU A 58 9.46 3.81 -25.13
C LEU A 58 8.05 4.00 -25.69
N VAL A 59 7.04 3.91 -24.84
CA VAL A 59 5.68 4.13 -25.29
C VAL A 59 5.54 5.52 -25.90
N PHE A 60 4.90 5.58 -27.07
CA PHE A 60 4.67 6.85 -27.74
C PHE A 60 3.63 7.71 -27.02
N TYR A 61 3.84 9.03 -27.01
CA TYR A 61 2.89 10.00 -26.41
C TYR A 61 2.91 11.37 -27.09
N TRP A 62 1.77 12.06 -27.15
CA TRP A 62 1.69 13.36 -27.81
C TRP A 62 2.13 14.55 -26.93
N ILE A 63 1.56 14.64 -25.73
CA ILE A 63 1.84 15.74 -24.79
C ILE A 63 3.17 15.61 -24.06
N PRO A 64 4.08 16.57 -24.27
CA PRO A 64 5.37 16.55 -23.58
C PRO A 64 5.21 16.67 -22.06
N TRP A 65 6.15 16.07 -21.33
CA TRP A 65 6.17 16.04 -19.87
C TRP A 65 5.07 15.17 -19.25
N VAL A 66 3.83 15.36 -19.68
CA VAL A 66 2.72 14.57 -19.16
C VAL A 66 2.89 13.08 -19.51
N GLY A 67 3.27 12.82 -20.76
CA GLY A 67 3.54 11.47 -21.20
C GLY A 67 2.28 10.63 -21.18
N SER A 68 2.39 9.44 -20.60
CA SER A 68 1.28 8.50 -20.57
C SER A 68 0.51 8.49 -19.24
N ALA A 69 0.55 9.61 -18.52
CA ALA A 69 0.04 9.66 -17.14
C ALA A 69 -1.46 9.43 -17.07
N VAL A 70 -2.18 9.86 -18.09
CA VAL A 70 -3.62 9.73 -18.06
C VAL A 70 -4.00 8.26 -18.03
N VAL A 71 -3.62 7.51 -19.06
CA VAL A 71 -4.01 6.10 -19.09
C VAL A 71 -3.35 5.27 -17.99
N TYR A 72 -2.09 5.57 -17.66
CA TYR A 72 -1.44 4.86 -16.56
C TYR A 72 -2.16 5.09 -15.23
N GLY A 73 -2.49 6.34 -14.96
CA GLY A 73 -3.14 6.70 -13.71
C GLY A 73 -4.51 6.07 -13.56
N MET A 74 -5.19 5.83 -14.68
CA MET A 74 -6.58 5.41 -14.61
C MET A 74 -6.78 3.89 -14.64
N LYS A 75 -6.17 3.23 -15.62
CA LYS A 75 -6.17 1.77 -15.68
C LYS A 75 -4.77 1.23 -15.90
N PRO A 76 -3.95 1.23 -14.84
CA PRO A 76 -2.55 0.78 -14.93
C PRO A 76 -2.38 -0.67 -15.40
N TYR A 77 -3.14 -1.65 -14.90
CA TYR A 77 -2.95 -3.02 -15.43
C TYR A 77 -3.36 -3.12 -16.91
N GLU A 78 -4.33 -2.32 -17.33
CA GLU A 78 -4.73 -2.34 -18.74
C GLU A 78 -3.63 -1.70 -19.59
N PHE A 79 -2.95 -0.72 -19.02
CA PHE A 79 -1.87 -0.05 -19.72
C PHE A 79 -0.74 -1.05 -19.90
N PHE A 80 -0.41 -1.75 -18.82
CA PHE A 80 0.69 -2.72 -18.84
C PHE A 80 0.42 -3.83 -19.83
N GLU A 81 -0.84 -4.20 -20.01
CA GLU A 81 -1.13 -5.34 -20.85
C GLU A 81 -0.91 -5.03 -22.34
N GLU A 82 -1.52 -3.97 -22.84
CA GLU A 82 -1.35 -3.65 -24.25
C GLU A 82 0.08 -3.26 -24.50
N CYS A 83 0.73 -2.64 -23.50
CA CYS A 83 2.17 -2.41 -23.54
C CYS A 83 2.95 -3.71 -23.68
N GLN A 84 2.52 -4.73 -22.94
CA GLN A 84 3.23 -6.00 -22.95
C GLN A 84 3.03 -6.72 -24.28
N LYS A 85 1.86 -6.59 -24.88
CA LYS A 85 1.58 -7.21 -26.18
C LYS A 85 2.46 -6.61 -27.26
N LYS A 86 2.68 -5.31 -27.16
CA LYS A 86 3.43 -4.58 -28.18
C LYS A 86 4.94 -4.79 -28.04
N TYR A 87 5.45 -4.73 -26.80
CA TYR A 87 6.90 -4.66 -26.59
C TYR A 87 7.49 -5.73 -25.67
N GLY A 88 6.67 -6.66 -25.18
CA GLY A 88 7.16 -7.63 -24.22
C GLY A 88 7.21 -7.09 -22.80
N ASP A 89 8.01 -7.73 -21.94
CA ASP A 89 8.03 -7.43 -20.51
C ASP A 89 8.80 -6.17 -20.09
N ILE A 90 9.68 -5.69 -20.95
CA ILE A 90 10.44 -4.49 -20.62
C ILE A 90 10.04 -3.39 -21.59
N PHE A 91 9.69 -2.23 -21.04
CA PHE A 91 9.34 -1.07 -21.83
C PHE A 91 9.36 0.16 -20.94
N SER A 92 9.51 1.32 -21.54
CA SER A 92 9.47 2.56 -20.79
C SER A 92 8.30 3.41 -21.23
N PHE A 93 7.94 4.36 -20.39
CA PHE A 93 6.92 5.33 -20.75
C PHE A 93 7.15 6.58 -19.90
N VAL A 94 6.67 7.72 -20.38
CA VAL A 94 6.96 8.98 -19.70
C VAL A 94 5.79 9.33 -18.81
N LEU A 95 6.08 9.82 -17.61
CA LEU A 95 5.09 10.10 -16.58
C LEU A 95 5.37 11.40 -15.84
N LEU A 96 4.55 12.43 -16.06
CA LEU A 96 4.67 13.73 -15.39
C LEU A 96 6.12 14.12 -15.14
N GLY A 97 6.89 14.21 -16.22
CA GLY A 97 8.28 14.59 -16.12
C GLY A 97 9.28 13.47 -15.99
N ARG A 98 8.86 12.32 -15.46
CA ARG A 98 9.81 11.25 -15.17
C ARG A 98 9.79 10.17 -16.25
N VAL A 99 10.79 9.29 -16.22
CA VAL A 99 10.79 8.16 -17.14
C VAL A 99 10.77 6.82 -16.41
N MET A 100 9.67 6.09 -16.59
CA MET A 100 9.48 4.81 -15.91
C MET A 100 9.86 3.63 -16.81
N THR A 101 10.79 2.80 -16.37
CA THR A 101 11.00 1.54 -17.07
C THR A 101 10.33 0.40 -16.32
N VAL A 102 9.30 -0.14 -16.95
CA VAL A 102 8.50 -1.19 -16.37
C VAL A 102 9.04 -2.56 -16.74
N TYR A 103 9.28 -3.42 -15.75
CA TYR A 103 9.69 -4.80 -16.02
C TYR A 103 8.66 -5.75 -15.41
N LEU A 104 7.81 -6.30 -16.27
CA LEU A 104 6.72 -7.21 -15.91
C LEU A 104 7.18 -8.66 -15.63
N GLY A 105 6.46 -9.37 -14.77
CA GLY A 105 6.77 -10.75 -14.46
C GLY A 105 7.81 -10.95 -13.39
N PRO A 106 8.04 -12.23 -13.03
CA PRO A 106 8.97 -12.65 -11.98
C PRO A 106 10.41 -12.14 -12.17
N LYS A 107 10.87 -12.03 -13.41
CA LYS A 107 12.22 -11.50 -13.64
C LYS A 107 12.23 -10.00 -13.36
N GLY A 108 11.06 -9.38 -13.52
CA GLY A 108 10.88 -7.99 -13.14
C GLY A 108 11.03 -7.83 -11.64
N HIS A 109 10.38 -8.74 -10.89
CA HIS A 109 10.50 -8.75 -9.43
C HIS A 109 12.00 -8.83 -9.05
N GLU A 110 12.67 -9.81 -9.65
CA GLU A 110 14.09 -10.05 -9.39
C GLU A 110 14.96 -8.83 -9.65
N PHE A 111 14.77 -8.26 -10.84
CA PHE A 111 15.53 -7.12 -11.29
C PHE A 111 15.33 -5.85 -10.42
N VAL A 112 14.15 -5.69 -9.81
CA VAL A 112 13.94 -4.50 -8.99
C VAL A 112 14.01 -4.77 -7.46
N PHE A 113 13.38 -5.85 -7.01
CA PHE A 113 13.35 -6.15 -5.57
C PHE A 113 14.70 -6.63 -5.06
N ASN A 114 15.41 -7.43 -5.86
CA ASN A 114 16.68 -7.94 -5.40
C ASN A 114 17.86 -7.09 -5.91
N ALA A 115 17.55 -6.03 -6.66
CA ALA A 115 18.57 -5.05 -7.10
C ALA A 115 19.56 -4.66 -5.99
N LYS A 116 20.83 -4.50 -6.37
CA LYS A 116 21.87 -4.08 -5.42
C LYS A 116 21.58 -2.69 -4.87
N LEU A 117 21.91 -2.48 -3.59
CA LEU A 117 21.68 -1.19 -2.90
C LEU A 117 22.21 0.01 -3.68
N ALA A 118 23.29 -0.19 -4.42
CA ALA A 118 23.92 0.85 -5.20
C ALA A 118 23.13 1.20 -6.47
N ASP A 119 22.49 0.22 -7.07
CA ASP A 119 21.76 0.43 -8.32
C ASP A 119 20.51 1.32 -8.18
N VAL A 120 19.76 1.14 -7.10
CA VAL A 120 18.45 1.78 -6.97
C VAL A 120 18.30 2.43 -5.62
N SER A 121 17.32 3.34 -5.52
CA SER A 121 16.96 3.91 -4.23
C SER A 121 15.44 3.98 -4.08
N ALA A 122 14.93 3.47 -2.97
CA ALA A 122 13.51 3.60 -2.67
C ALA A 122 13.26 4.95 -1.99
N GLU A 123 14.24 5.38 -1.19
CA GLU A 123 14.21 6.69 -0.52
C GLU A 123 14.02 7.76 -1.56
N ALA A 124 14.84 7.68 -2.61
CA ALA A 124 14.80 8.66 -3.69
C ALA A 124 13.46 8.69 -4.40
N ALA A 125 12.72 7.59 -4.34
CA ALA A 125 11.46 7.47 -5.07
C ALA A 125 10.30 7.92 -4.22
N TYR A 126 10.42 7.75 -2.91
CA TYR A 126 9.24 7.82 -2.04
C TYR A 126 9.24 8.96 -1.02
N ALA A 127 10.42 9.44 -0.65
CA ALA A 127 10.59 10.41 0.46
C ALA A 127 9.73 11.66 0.34
N HIS A 128 9.57 12.15 -0.89
CA HIS A 128 8.81 13.36 -1.13
C HIS A 128 7.34 13.19 -0.76
N LEU A 129 6.86 11.96 -0.79
CA LEU A 129 5.47 11.68 -0.47
C LEU A 129 5.28 11.26 0.98
N THR A 130 6.25 10.52 1.51
CA THR A 130 6.11 9.97 2.85
C THR A 130 6.58 10.91 3.95
N THR A 131 7.75 11.53 3.77
CA THR A 131 8.32 12.39 4.83
C THR A 131 7.36 13.46 5.37
N PRO A 132 6.65 14.21 4.48
CA PRO A 132 5.72 15.23 5.00
C PRO A 132 4.60 14.64 5.85
N VAL A 133 4.21 13.40 5.56
CA VAL A 133 3.16 12.72 6.31
C VAL A 133 3.67 12.10 7.62
N PHE A 134 4.79 11.41 7.59
CA PHE A 134 5.20 10.62 8.76
C PHE A 134 5.97 11.47 9.76
N GLY A 135 6.76 12.40 9.25
CA GLY A 135 7.74 13.09 10.06
C GLY A 135 9.10 12.96 9.39
N LYS A 136 10.15 13.45 10.05
CA LYS A 136 11.49 13.38 9.52
C LYS A 136 12.34 12.44 10.38
N GLY A 137 13.52 12.04 9.89
CA GLY A 137 14.42 11.21 10.66
C GLY A 137 14.17 9.72 10.53
N VAL A 138 13.11 9.37 9.82
CA VAL A 138 12.62 7.99 9.72
C VAL A 138 12.16 7.61 8.32
N ILE A 139 12.15 6.31 8.07
CA ILE A 139 11.62 5.70 6.84
C ILE A 139 12.44 6.11 5.61
N TYR A 140 12.02 7.18 4.91
CA TYR A 140 12.69 7.56 3.68
C TYR A 140 13.35 8.93 3.88
N ASP A 141 13.56 9.24 5.14
CA ASP A 141 14.22 10.44 5.52
C ASP A 141 15.33 10.06 6.47
N CYS A 142 16.05 9.02 6.05
CA CYS A 142 17.28 8.61 6.68
C CYS A 142 17.99 7.72 5.67
N PRO A 143 19.27 7.36 5.93
CA PRO A 143 19.93 6.40 5.04
C PRO A 143 19.29 5.01 5.14
N ASN A 144 19.38 4.23 4.06
CA ASN A 144 18.72 2.93 4.01
C ASN A 144 19.05 2.06 5.21
N SER A 145 20.29 2.11 5.65
CA SER A 145 20.79 1.32 6.76
C SER A 145 20.00 1.59 8.01
N ARG A 146 19.62 2.85 8.20
CA ARG A 146 18.74 3.24 9.30
C ARG A 146 17.34 2.59 9.17
N LEU A 147 16.75 2.72 7.98
CA LEU A 147 15.48 2.06 7.66
C LEU A 147 15.52 0.62 8.12
N MET A 148 16.56 -0.11 7.69
CA MET A 148 16.75 -1.50 8.07
C MET A 148 16.68 -1.75 9.58
N GLU A 149 17.14 -0.79 10.37
CA GLU A 149 17.15 -0.97 11.82
C GLU A 149 15.79 -0.63 12.41
N GLN A 150 15.10 0.31 11.77
CA GLN A 150 13.76 0.67 12.21
C GLN A 150 12.86 -0.52 11.98
N LYS A 151 12.96 -1.11 10.78
CA LYS A 151 12.16 -2.28 10.45
C LYS A 151 12.38 -3.38 11.49
N LYS A 152 13.63 -3.51 11.96
CA LYS A 152 13.92 -4.46 13.03
C LYS A 152 13.24 -4.04 14.34
N PHE A 153 13.24 -2.74 14.64
CA PHE A 153 12.61 -2.22 15.87
C PHE A 153 11.12 -2.53 15.92
N VAL A 154 10.44 -2.23 14.83
CA VAL A 154 9.01 -2.47 14.69
C VAL A 154 8.70 -3.98 14.72
N LYS A 155 9.42 -4.73 13.89
CA LYS A 155 9.24 -6.19 13.81
C LYS A 155 9.44 -6.85 15.17
N GLY A 156 10.14 -6.16 16.06
CA GLY A 156 10.33 -6.64 17.41
C GLY A 156 9.06 -6.58 18.23
N ALA A 157 8.15 -5.68 17.90
CA ALA A 157 6.86 -5.69 18.59
C ALA A 157 5.83 -6.47 17.79
N LEU A 158 6.28 -7.17 16.77
CA LEU A 158 5.36 -7.95 15.96
C LEU A 158 5.66 -9.42 16.13
N THR A 159 5.62 -9.87 17.39
CA THR A 159 5.93 -11.27 17.70
C THR A 159 4.66 -12.05 18.00
N LYS A 160 4.78 -13.37 17.90
CA LYS A 160 3.64 -14.27 18.10
C LYS A 160 2.99 -14.08 19.47
N GLU A 161 3.77 -13.70 20.49
CA GLU A 161 3.18 -13.42 21.81
C GLU A 161 2.49 -12.08 21.82
N ALA A 162 2.99 -11.13 21.01
CA ALA A 162 2.26 -9.89 20.84
C ALA A 162 0.93 -10.19 20.17
N PHE A 163 0.93 -11.18 19.28
CA PHE A 163 -0.26 -11.51 18.52
C PHE A 163 -1.30 -12.21 19.38
N LYS A 164 -0.86 -13.01 20.35
CA LYS A 164 -1.78 -13.63 21.31
C LYS A 164 -2.43 -12.57 22.20
N SER A 165 -1.76 -11.44 22.37
CA SER A 165 -2.32 -10.41 23.23
C SER A 165 -3.18 -9.46 22.40
N TYR A 166 -2.78 -9.22 21.15
CA TYR A 166 -3.54 -8.35 20.25
C TYR A 166 -4.89 -8.95 19.86
N VAL A 167 -4.99 -10.28 19.77
CA VAL A 167 -6.20 -10.91 19.22
C VAL A 167 -7.42 -10.59 20.09
N PRO A 168 -7.34 -10.81 21.42
CA PRO A 168 -8.56 -10.40 22.13
C PRO A 168 -8.81 -8.86 22.13
N LEU A 169 -7.78 -8.03 22.08
CA LEU A 169 -7.98 -6.57 21.99
C LEU A 169 -8.71 -6.19 20.70
N ILE A 170 -8.28 -6.83 19.62
CA ILE A 170 -8.82 -6.56 18.29
C ILE A 170 -10.26 -7.09 18.21
N ALA A 171 -10.53 -8.18 18.89
CA ALA A 171 -11.86 -8.74 18.84
C ALA A 171 -12.77 -7.80 19.63
N GLU A 172 -12.27 -7.38 20.80
CA GLU A 172 -13.04 -6.49 21.68
C GLU A 172 -13.49 -5.30 20.86
N GLU A 173 -12.55 -4.74 20.08
CA GLU A 173 -12.84 -3.64 19.17
C GLU A 173 -13.90 -3.94 18.11
N VAL A 174 -13.79 -5.07 17.44
CA VAL A 174 -14.74 -5.36 16.37
C VAL A 174 -16.14 -5.46 16.99
N TYR A 175 -16.23 -6.17 18.11
CA TYR A 175 -17.51 -6.36 18.75
C TYR A 175 -18.05 -5.01 19.20
N LYS A 176 -17.17 -4.22 19.81
CA LYS A 176 -17.52 -2.87 20.28
C LYS A 176 -18.04 -2.04 19.11
N TYR A 177 -17.41 -2.20 17.95
CA TYR A 177 -17.87 -1.52 16.74
C TYR A 177 -19.27 -1.98 16.32
N PHE A 178 -19.54 -3.29 16.33
CA PHE A 178 -20.87 -3.80 15.99
C PHE A 178 -21.93 -3.25 16.94
N ARG A 179 -21.57 -3.15 18.21
CA ARG A 179 -22.44 -2.57 19.23
C ARG A 179 -22.79 -1.09 18.96
N ASP A 180 -21.78 -0.23 18.81
CA ASP A 180 -22.03 1.22 18.90
C ASP A 180 -22.07 1.96 17.55
N SER A 181 -21.46 1.43 16.51
CA SER A 181 -21.43 2.16 15.25
C SER A 181 -22.81 2.33 14.61
N LYS A 182 -23.08 3.55 14.18
CA LYS A 182 -24.27 3.93 13.42
C LYS A 182 -24.51 2.97 12.24
N ASN A 183 -23.43 2.44 11.64
CA ASN A 183 -23.60 1.54 10.50
C ASN A 183 -24.09 0.13 10.92
N PHE A 184 -24.02 -0.20 12.21
CA PHE A 184 -24.52 -1.50 12.65
C PHE A 184 -25.61 -1.42 13.74
N ARG A 185 -25.22 -1.19 14.99
CA ARG A 185 -26.17 -1.28 16.12
C ARG A 185 -26.79 -2.67 16.22
N LEU A 186 -25.98 -3.69 16.51
CA LEU A 186 -26.48 -5.06 16.49
C LEU A 186 -27.45 -5.36 17.66
N ASN A 187 -27.34 -4.63 18.76
CA ASN A 187 -28.31 -4.79 19.85
C ASN A 187 -29.64 -4.10 19.58
N GLU A 188 -29.72 -3.31 18.51
CA GLU A 188 -30.97 -2.65 18.14
C GLU A 188 -31.43 -2.99 16.72
N ARG A 189 -30.53 -3.45 15.87
CA ARG A 189 -30.90 -3.83 14.50
C ARG A 189 -30.46 -5.27 14.19
N THR A 190 -31.22 -5.93 13.32
CA THR A 190 -30.92 -7.29 12.90
C THR A 190 -30.52 -7.29 11.45
N THR A 191 -30.79 -6.17 10.78
CA THR A 191 -30.45 -5.99 9.37
C THR A 191 -30.06 -4.53 9.08
N GLY A 192 -29.33 -4.29 8.00
CA GLY A 192 -28.89 -2.96 7.66
C GLY A 192 -28.04 -2.87 6.39
N THR A 193 -27.72 -1.65 5.98
CA THR A 193 -26.84 -1.44 4.84
C THR A 193 -25.62 -0.65 5.30
N ILE A 194 -24.44 -1.09 4.87
CA ILE A 194 -23.24 -0.35 5.15
C ILE A 194 -22.46 -0.10 3.88
N ASP A 195 -21.67 0.97 3.90
CA ASP A 195 -20.67 1.20 2.86
C ASP A 195 -19.34 0.66 3.41
N VAL A 196 -18.76 -0.33 2.75
CA VAL A 196 -17.58 -1.00 3.30
C VAL A 196 -16.44 0.00 3.31
N MET A 197 -16.47 0.92 2.36
CA MET A 197 -15.51 2.01 2.35
C MET A 197 -15.66 2.98 3.52
N VAL A 198 -16.84 3.03 4.15
CA VAL A 198 -17.00 3.77 5.40
C VAL A 198 -16.65 2.89 6.61
N THR A 199 -17.27 1.72 6.72
CA THR A 199 -16.96 0.82 7.85
C THR A 199 -15.51 0.35 7.96
N GLN A 200 -14.89 -0.01 6.84
CA GLN A 200 -13.60 -0.68 6.98
C GLN A 200 -12.45 0.23 7.45
N PRO A 201 -12.36 1.48 6.96
CA PRO A 201 -11.29 2.31 7.53
C PRO A 201 -11.50 2.67 9.00
N GLU A 202 -12.74 2.73 9.48
CA GLU A 202 -12.96 2.98 10.91
C GLU A 202 -12.58 1.77 11.73
N MET A 203 -12.98 0.57 11.24
CA MET A 203 -12.69 -0.69 11.92
C MET A 203 -11.20 -0.94 11.96
N THR A 204 -10.51 -0.59 10.89
CA THR A 204 -9.07 -0.80 10.83
C THR A 204 -8.29 0.13 11.80
N ILE A 205 -8.67 1.40 11.86
CA ILE A 205 -7.93 2.34 12.73
C ILE A 205 -8.20 1.97 14.20
N PHE A 206 -9.47 1.68 14.53
CA PHE A 206 -9.82 1.25 15.89
C PHE A 206 -9.02 0.04 16.37
N THR A 207 -8.96 -0.99 15.52
CA THR A 207 -8.27 -2.22 15.91
C THR A 207 -6.78 -2.01 15.95
N ALA A 208 -6.25 -1.31 14.95
CA ALA A 208 -4.82 -1.03 14.91
C ALA A 208 -4.40 -0.14 16.09
N SER A 209 -5.09 0.98 16.26
CA SER A 209 -4.81 1.90 17.37
C SER A 209 -4.77 1.19 18.71
N ARG A 210 -5.81 0.42 18.98
CA ARG A 210 -5.94 -0.23 20.27
C ARG A 210 -4.76 -1.16 20.50
N SER A 211 -4.33 -1.85 19.45
CA SER A 211 -3.42 -2.96 19.67
C SER A 211 -1.98 -2.51 19.53
N LEU A 212 -1.72 -1.64 18.58
CA LEU A 212 -0.35 -1.16 18.38
C LEU A 212 0.02 0.10 19.21
N LEU A 213 -0.94 0.98 19.49
CA LEU A 213 -0.62 2.22 20.20
C LEU A 213 -1.12 2.23 21.65
N GLY A 214 -1.85 1.18 22.03
CA GLY A 214 -2.34 1.07 23.39
C GLY A 214 -3.67 1.75 23.59
N LYS A 215 -4.21 1.58 24.79
CA LYS A 215 -5.56 2.00 25.10
C LYS A 215 -5.73 3.51 25.13
N GLU A 216 -4.71 4.22 25.62
CA GLU A 216 -4.74 5.68 25.64
C GLU A 216 -5.00 6.23 24.25
N MET A 217 -4.14 5.83 23.31
CA MET A 217 -4.25 6.32 21.95
C MET A 217 -5.52 5.85 21.24
N ARG A 218 -6.00 4.66 21.58
CA ARG A 218 -7.26 4.19 21.04
C ARG A 218 -8.38 5.10 21.52
N ALA A 219 -8.30 5.50 22.79
CA ALA A 219 -9.33 6.36 23.39
C ALA A 219 -9.43 7.75 22.73
N LYS A 220 -8.30 8.31 22.26
CA LYS A 220 -8.34 9.63 21.62
C LYS A 220 -9.10 9.58 20.29
N LEU A 221 -9.42 8.38 19.81
CA LEU A 221 -10.06 8.27 18.50
C LEU A 221 -11.57 8.50 18.59
N ASP A 222 -12.10 8.50 19.81
CA ASP A 222 -13.53 8.75 20.00
C ASP A 222 -13.87 10.23 19.97
N THR A 223 -12.83 11.06 20.07
CA THR A 223 -13.02 12.50 20.14
C THR A 223 -12.69 13.16 18.84
N ASP A 224 -12.75 14.49 18.82
CA ASP A 224 -12.42 15.31 17.65
C ASP A 224 -11.03 15.00 17.14
N PHE A 225 -10.17 14.55 18.03
CA PHE A 225 -8.78 14.24 17.69
C PHE A 225 -8.71 13.32 16.48
N ALA A 226 -9.66 12.38 16.40
CA ALA A 226 -9.78 11.46 15.27
C ALA A 226 -9.67 12.20 13.94
N TYR A 227 -10.29 13.38 13.87
CA TYR A 227 -10.26 14.21 12.67
C TYR A 227 -8.83 14.50 12.21
N LEU A 228 -7.89 14.60 13.14
CA LEU A 228 -6.49 14.82 12.78
C LEU A 228 -5.92 13.64 11.94
N TYR A 229 -6.30 12.40 12.28
CA TYR A 229 -5.88 11.26 11.46
C TYR A 229 -6.49 11.39 10.08
N SER A 230 -7.69 11.97 10.01
CA SER A 230 -8.36 12.13 8.73
C SER A 230 -7.70 13.20 7.87
N ASP A 231 -7.14 14.22 8.54
CA ASP A 231 -6.40 15.28 7.86
C ASP A 231 -5.09 14.73 7.33
N LEU A 232 -4.37 14.04 8.22
CA LEU A 232 -3.08 13.46 7.89
C LEU A 232 -3.22 12.53 6.70
N ASP A 233 -4.42 11.97 6.59
CA ASP A 233 -4.76 10.96 5.63
C ASP A 233 -4.84 11.49 4.20
N LYS A 234 -5.19 12.75 4.05
CA LYS A 234 -5.46 13.28 2.71
C LYS A 234 -4.21 13.92 2.11
N GLY A 235 -3.11 13.86 2.86
CA GLY A 235 -1.84 14.37 2.39
C GLY A 235 -1.01 13.20 1.92
N PHE A 236 -1.63 12.02 1.98
CA PHE A 236 -1.04 10.76 1.54
C PHE A 236 -1.62 10.41 0.17
N THR A 237 -1.41 11.28 -0.83
CA THR A 237 -2.06 11.17 -2.14
C THR A 237 -1.03 11.29 -3.25
N PRO A 238 -1.23 10.58 -4.38
CA PRO A 238 -0.32 10.75 -5.53
C PRO A 238 -0.10 12.21 -5.95
N ILE A 239 -1.02 13.13 -5.67
CA ILE A 239 -0.76 14.53 -6.03
C ILE A 239 0.48 14.99 -5.27
N ASN A 240 0.63 14.54 -4.02
CA ASN A 240 1.79 14.86 -3.19
C ASN A 240 3.04 14.11 -3.67
N PHE A 241 2.89 13.41 -4.79
CA PHE A 241 4.00 12.68 -5.39
C PHE A 241 4.56 13.48 -6.58
N VAL A 242 3.74 14.39 -7.11
CA VAL A 242 4.16 15.25 -8.21
C VAL A 242 4.40 16.66 -7.71
N PHE A 243 3.38 17.23 -7.06
CA PHE A 243 3.46 18.54 -6.42
C PHE A 243 3.40 18.35 -4.90
N PRO A 244 4.53 17.98 -4.27
CA PRO A 244 4.50 17.61 -2.85
C PRO A 244 4.30 18.81 -1.94
N ASN A 245 4.60 20.00 -2.44
CA ASN A 245 4.39 21.20 -1.64
C ASN A 245 4.07 22.42 -2.46
N LEU A 246 2.78 22.62 -2.70
CA LEU A 246 2.28 23.87 -3.23
C LEU A 246 1.33 24.46 -2.20
N PRO A 247 1.43 25.79 -1.95
CA PRO A 247 0.64 26.49 -0.94
C PRO A 247 -0.87 26.44 -1.17
N LEU A 248 -1.48 25.26 -1.11
CA LEU A 248 -2.94 25.15 -1.20
C LEU A 248 -3.52 25.18 0.22
N GLU A 249 -4.10 24.08 0.69
CA GLU A 249 -4.65 24.12 2.05
C GLU A 249 -4.90 22.75 2.72
N HIS A 250 -5.12 21.69 1.93
CA HIS A 250 -5.17 20.38 2.56
C HIS A 250 -3.74 20.03 2.93
N TYR A 251 -2.79 20.63 2.19
CA TYR A 251 -1.36 20.48 2.47
C TYR A 251 -0.92 21.00 3.87
N ARG A 252 -1.68 21.92 4.46
CA ARG A 252 -1.32 22.48 5.76
C ARG A 252 -1.93 21.73 6.95
N LYS A 253 -3.22 21.42 6.80
CA LYS A 253 -3.93 20.59 7.78
C LYS A 253 -3.23 19.26 7.97
N ARG A 254 -2.65 18.74 6.89
CA ARG A 254 -1.73 17.61 6.94
C ARG A 254 -0.60 17.86 7.93
N ASP A 255 0.20 18.89 7.63
CA ASP A 255 1.35 19.25 8.48
C ASP A 255 0.95 19.55 9.93
N HIS A 256 -0.15 20.29 10.09
CA HIS A 256 -0.71 20.51 11.41
C HIS A 256 -0.91 19.19 12.14
N ALA A 257 -1.66 18.30 11.49
CA ALA A 257 -1.95 16.96 11.99
C ALA A 257 -0.70 16.17 12.31
N GLN A 258 0.35 16.34 11.50
CA GLN A 258 1.58 15.58 11.73
C GLN A 258 2.19 15.97 13.07
N LYS A 259 2.45 17.25 13.29
CA LYS A 259 3.00 17.65 14.57
C LYS A 259 2.01 17.33 15.67
N ALA A 260 0.74 17.67 15.44
CA ALA A 260 -0.32 17.43 16.41
C ALA A 260 -0.36 15.97 16.85
N ILE A 261 -0.46 15.06 15.88
CA ILE A 261 -0.55 13.65 16.19
C ILE A 261 0.77 13.23 16.81
N SER A 262 1.89 13.58 16.16
CA SER A 262 3.19 13.21 16.71
C SER A 262 3.36 13.74 18.13
N GLY A 263 2.81 14.93 18.37
CA GLY A 263 2.82 15.52 19.70
C GLY A 263 2.19 14.61 20.74
N THR A 264 1.00 14.11 20.43
CA THR A 264 0.29 13.24 21.37
C THR A 264 1.08 12.01 21.75
N TYR A 265 1.85 11.48 20.79
CA TYR A 265 2.61 10.28 21.08
C TYR A 265 3.77 10.62 22.02
N MET A 266 4.53 11.66 21.66
CA MET A 266 5.64 12.09 22.51
C MET A 266 5.14 12.39 23.91
N SER A 267 3.97 13.02 23.97
CA SER A 267 3.37 13.30 25.25
C SER A 267 3.26 12.00 26.05
N LEU A 268 2.66 10.99 25.44
CA LEU A 268 2.46 9.73 26.13
C LEU A 268 3.82 9.04 26.40
N ILE A 269 4.74 9.14 25.45
CA ILE A 269 6.05 8.51 25.59
C ILE A 269 6.81 9.08 26.77
N LYS A 270 6.88 10.41 26.82
CA LYS A 270 7.62 11.12 27.86
C LYS A 270 7.00 10.85 29.22
N GLU A 271 5.67 10.87 29.30
CA GLU A 271 5.03 10.58 30.57
C GLU A 271 5.25 9.12 31.00
N ARG A 272 5.49 8.22 30.04
CA ARG A 272 5.66 6.82 30.39
C ARG A 272 7.04 6.60 31.01
N ARG A 273 8.07 7.13 30.37
CA ARG A 273 9.44 7.00 30.90
C ARG A 273 9.59 7.72 32.24
N LYS A 274 8.72 8.71 32.45
CA LYS A 274 8.77 9.54 33.65
C LYS A 274 8.00 8.90 34.82
N ASN A 275 7.17 7.89 34.54
CA ASN A 275 6.54 7.14 35.61
C ASN A 275 7.10 5.72 35.70
N ASN A 276 7.99 5.38 34.77
CA ASN A 276 8.23 3.98 34.40
C ASN A 276 6.91 3.23 34.28
N ASP A 277 6.16 3.54 33.23
CA ASP A 277 4.95 2.82 32.89
C ASP A 277 5.24 1.98 31.65
N ILE A 278 6.50 1.55 31.54
CA ILE A 278 6.95 0.86 30.34
C ILE A 278 6.85 -0.66 30.46
N GLN A 279 5.66 -1.18 30.22
CA GLN A 279 5.45 -2.62 30.18
C GLN A 279 5.65 -3.14 28.76
N ASP A 280 4.80 -4.08 28.36
CA ASP A 280 4.86 -4.69 27.04
C ASP A 280 3.57 -4.49 26.26
N ARG A 281 2.73 -3.58 26.75
CA ARG A 281 1.38 -3.41 26.24
C ARG A 281 1.32 -3.25 24.73
N ASP A 282 2.00 -2.25 24.20
CA ASP A 282 1.87 -1.95 22.78
C ASP A 282 3.21 -1.75 22.08
N LEU A 283 3.18 -1.12 20.91
CA LEU A 283 4.39 -0.86 20.15
C LEU A 283 5.12 0.37 20.73
N ILE A 284 4.38 1.19 21.46
CA ILE A 284 4.98 2.34 22.13
C ILE A 284 5.91 1.88 23.26
N ASP A 285 5.39 1.03 24.14
CA ASP A 285 6.22 0.37 25.14
C ASP A 285 7.46 -0.25 24.52
N SER A 286 7.25 -0.91 23.38
CA SER A 286 8.30 -1.67 22.72
C SER A 286 9.35 -0.75 22.10
N LEU A 287 8.92 0.25 21.34
CA LEU A 287 9.87 1.17 20.73
C LEU A 287 10.64 1.99 21.76
N MET A 288 10.04 2.21 22.93
CA MET A 288 10.76 2.85 24.03
C MET A 288 11.88 1.92 24.49
N LYS A 289 11.53 0.67 24.81
CA LYS A 289 12.51 -0.29 25.31
C LYS A 289 13.54 -0.71 24.27
N ASN A 290 13.39 -0.28 23.02
CA ASN A 290 14.17 -0.89 21.94
C ASN A 290 14.15 -0.04 20.68
N SER A 291 15.06 0.91 20.60
CA SER A 291 15.12 1.79 19.46
C SER A 291 16.48 2.44 19.39
N THR A 292 17.50 1.74 19.90
CA THR A 292 18.87 2.21 19.80
C THR A 292 19.58 1.53 18.63
N TYR A 293 19.99 2.32 17.65
CA TYR A 293 20.76 1.79 16.52
C TYR A 293 22.03 1.05 16.98
N LYS A 294 22.77 0.48 16.03
CA LYS A 294 23.92 -0.33 16.41
C LYS A 294 25.22 0.49 16.46
N ASP A 295 25.22 1.66 15.84
CA ASP A 295 26.33 2.59 16.01
C ASP A 295 26.23 3.25 17.39
N GLY A 296 25.04 3.18 17.98
CA GLY A 296 24.83 3.61 19.35
C GLY A 296 23.93 4.82 19.51
N VAL A 297 23.64 5.48 18.39
CA VAL A 297 22.62 6.53 18.38
C VAL A 297 21.29 5.95 18.78
N LYS A 298 20.45 6.77 19.39
CA LYS A 298 19.12 6.34 19.79
C LYS A 298 18.13 7.22 19.04
N MET A 299 16.95 6.67 18.74
CA MET A 299 15.90 7.43 18.09
C MET A 299 15.43 8.52 19.04
N THR A 300 15.27 9.74 18.52
CA THR A 300 14.69 10.80 19.33
C THR A 300 13.24 10.44 19.57
N ASP A 301 12.67 10.95 20.65
CA ASP A 301 11.27 10.77 20.93
C ASP A 301 10.44 11.25 19.74
N GLN A 302 10.90 12.30 19.06
CA GLN A 302 10.23 12.70 17.83
C GLN A 302 10.31 11.58 16.78
N GLU A 303 11.49 11.02 16.61
CA GLU A 303 11.72 10.02 15.58
C GLU A 303 10.88 8.76 15.84
N ILE A 304 10.84 8.33 17.10
CA ILE A 304 10.02 7.20 17.51
C ILE A 304 8.56 7.46 17.16
N ALA A 305 8.04 8.61 17.58
CA ALA A 305 6.67 8.99 17.25
C ALA A 305 6.42 8.95 15.75
N ASN A 306 7.35 9.47 14.96
CA ASN A 306 7.17 9.54 13.51
C ASN A 306 7.13 8.13 12.92
N LEU A 307 7.91 7.23 13.50
CA LEU A 307 7.93 5.84 13.04
C LEU A 307 6.56 5.20 13.36
N LEU A 308 5.90 5.69 14.42
CA LEU A 308 4.58 5.21 14.78
C LEU A 308 3.53 5.73 13.82
N ILE A 309 3.65 6.96 13.37
CA ILE A 309 2.68 7.45 12.40
C ILE A 309 2.78 6.62 11.14
N GLY A 310 4.01 6.43 10.67
CA GLY A 310 4.28 5.68 9.48
C GLY A 310 3.75 4.25 9.52
N VAL A 311 3.98 3.55 10.64
CA VAL A 311 3.50 2.19 10.71
C VAL A 311 1.99 2.18 10.52
N LEU A 312 1.27 2.85 11.43
CA LEU A 312 -0.18 2.91 11.40
C LEU A 312 -0.76 3.44 10.11
N MET A 313 -0.10 4.42 9.50
CA MET A 313 -0.57 4.96 8.23
C MET A 313 -0.49 3.91 7.10
N GLY A 314 0.66 3.24 7.00
CA GLY A 314 0.83 2.23 5.98
C GLY A 314 -0.15 1.09 6.20
N GLY A 315 -0.18 0.59 7.43
CA GLY A 315 -1.03 -0.51 7.79
C GLY A 315 -2.51 -0.16 7.66
N GLN A 316 -2.84 1.11 7.83
CA GLN A 316 -4.22 1.55 7.75
C GLN A 316 -4.77 1.32 6.35
N HIS A 317 -4.04 1.76 5.33
CA HIS A 317 -4.60 1.78 3.97
C HIS A 317 -4.64 0.47 3.22
N THR A 318 -3.57 -0.32 3.34
CA THR A 318 -3.50 -1.65 2.77
C THR A 318 -4.57 -2.57 3.39
N SER A 319 -4.54 -2.66 4.71
CA SER A 319 -5.46 -3.52 5.44
C SER A 319 -6.93 -3.17 5.20
N ALA A 320 -7.29 -1.89 5.36
CA ALA A 320 -8.67 -1.49 5.22
C ALA A 320 -9.17 -1.76 3.80
N ALA A 321 -8.34 -1.52 2.79
CA ALA A 321 -8.80 -1.82 1.44
C ALA A 321 -9.06 -3.32 1.28
N THR A 322 -8.19 -4.11 1.91
CA THR A 322 -8.24 -5.54 1.71
C THR A 322 -9.50 -6.10 2.37
N SER A 323 -9.85 -5.60 3.55
CA SER A 323 -11.02 -6.14 4.24
C SER A 323 -12.28 -5.66 3.54
N ALA A 324 -12.19 -4.49 2.90
CA ALA A 324 -13.29 -4.06 2.04
C ALA A 324 -13.51 -5.10 0.90
N TRP A 325 -12.46 -5.41 0.14
CA TRP A 325 -12.54 -6.39 -0.95
C TRP A 325 -13.03 -7.77 -0.49
N ILE A 326 -12.58 -8.20 0.69
CA ILE A 326 -13.02 -9.49 1.20
C ILE A 326 -14.52 -9.48 1.35
N LEU A 327 -15.05 -8.39 1.90
CA LEU A 327 -16.48 -8.28 2.13
C LEU A 327 -17.23 -8.25 0.79
N LEU A 328 -16.65 -7.56 -0.20
CA LEU A 328 -17.35 -7.39 -1.47
C LEU A 328 -17.36 -8.68 -2.27
N HIS A 329 -16.27 -9.42 -2.22
CA HIS A 329 -16.20 -10.68 -2.93
C HIS A 329 -17.07 -11.71 -2.25
N LEU A 330 -17.07 -11.71 -0.92
CA LEU A 330 -17.90 -12.67 -0.21
C LEU A 330 -19.38 -12.37 -0.38
N ALA A 331 -19.71 -11.09 -0.51
CA ALA A 331 -21.11 -10.64 -0.55
C ALA A 331 -21.94 -11.31 -1.65
N GLU A 332 -21.28 -11.94 -2.62
CA GLU A 332 -21.97 -12.62 -3.71
C GLU A 332 -21.60 -14.09 -3.75
N ARG A 333 -21.00 -14.56 -2.66
CA ARG A 333 -20.64 -15.95 -2.57
C ARG A 333 -21.15 -16.53 -1.27
N PRO A 334 -22.46 -16.71 -1.18
CA PRO A 334 -22.98 -17.32 0.05
C PRO A 334 -22.39 -18.70 0.24
N ASP A 335 -21.93 -19.34 -0.85
CA ASP A 335 -21.27 -20.64 -0.74
C ASP A 335 -19.96 -20.52 0.01
N VAL A 336 -19.16 -19.50 -0.31
CA VAL A 336 -17.92 -19.31 0.43
C VAL A 336 -18.21 -18.92 1.90
N GLN A 337 -19.29 -18.17 2.15
CA GLN A 337 -19.67 -17.81 3.52
C GLN A 337 -20.09 -19.05 4.31
N GLN A 338 -20.86 -19.89 3.65
CA GLN A 338 -21.30 -21.13 4.27
C GLN A 338 -20.08 -21.95 4.70
N GLU A 339 -19.12 -22.09 3.79
CA GLU A 339 -17.89 -22.82 4.03
C GLU A 339 -17.01 -22.25 5.17
N LEU A 340 -16.81 -20.93 5.18
CA LEU A 340 -16.06 -20.28 6.25
C LEU A 340 -16.72 -20.42 7.62
N TYR A 341 -18.05 -20.43 7.62
CA TYR A 341 -18.81 -20.54 8.86
C TYR A 341 -18.63 -21.93 9.48
N GLU A 342 -18.71 -22.98 8.65
CA GLU A 342 -18.49 -24.34 9.12
C GLU A 342 -17.11 -24.47 9.78
N GLU A 343 -16.07 -23.97 9.12
CA GLU A 343 -14.74 -23.97 9.70
C GLU A 343 -14.77 -23.27 11.06
N GLN A 344 -15.46 -22.12 11.13
CA GLN A 344 -15.56 -21.37 12.38
C GLN A 344 -16.17 -22.25 13.46
N MET A 345 -17.22 -23.01 13.11
CA MET A 345 -17.90 -23.87 14.09
C MET A 345 -17.00 -25.02 14.50
N ARG A 346 -16.33 -25.62 13.53
CA ARG A 346 -15.39 -26.72 13.79
C ARG A 346 -14.19 -26.33 14.70
N VAL A 347 -13.56 -25.18 14.42
CA VAL A 347 -12.32 -24.81 15.12
C VAL A 347 -12.63 -24.18 16.47
N LEU A 348 -13.76 -23.51 16.58
CA LEU A 348 -14.11 -22.88 17.85
C LEU A 348 -15.21 -23.64 18.58
N ASP A 349 -15.39 -24.93 18.24
CA ASP A 349 -16.36 -25.75 18.94
C ASP A 349 -17.73 -25.07 19.04
N GLY A 350 -18.33 -24.78 17.89
CA GLY A 350 -19.63 -24.15 17.83
C GLY A 350 -19.66 -22.69 18.26
N GLY A 351 -18.61 -22.24 18.94
CA GLY A 351 -18.57 -20.89 19.48
C GLY A 351 -18.15 -20.88 20.93
N LYS A 352 -18.26 -22.04 21.58
CA LYS A 352 -17.81 -22.21 22.95
C LYS A 352 -16.35 -21.76 23.14
N LYS A 353 -15.45 -22.22 22.28
CA LYS A 353 -14.03 -21.82 22.31
C LYS A 353 -13.85 -20.35 21.95
N GLU A 354 -13.00 -19.66 22.71
CA GLU A 354 -12.73 -18.25 22.44
C GLU A 354 -11.57 -18.12 21.47
N LEU A 355 -11.66 -17.13 20.58
CA LEU A 355 -10.66 -16.94 19.56
C LEU A 355 -9.30 -16.54 20.13
N THR A 356 -8.26 -17.25 19.68
CA THR A 356 -6.88 -17.02 20.09
C THR A 356 -6.02 -16.94 18.84
N TYR A 357 -4.79 -16.43 18.96
CA TYR A 357 -3.90 -16.35 17.78
C TYR A 357 -3.59 -17.77 17.27
N ASP A 358 -3.50 -18.71 18.20
CA ASP A 358 -3.23 -20.09 17.83
C ASP A 358 -4.39 -20.65 17.02
N LEU A 359 -5.60 -20.46 17.52
CA LEU A 359 -6.79 -20.97 16.85
C LEU A 359 -6.98 -20.37 15.45
N LEU A 360 -6.60 -19.10 15.26
CA LEU A 360 -6.56 -18.50 13.93
C LEU A 360 -5.76 -19.31 12.91
N GLN A 361 -4.67 -19.93 13.37
CA GLN A 361 -3.78 -20.67 12.47
C GLN A 361 -4.42 -21.97 12.00
N GLU A 362 -5.46 -22.41 12.71
CA GLU A 362 -6.14 -23.63 12.34
C GLU A 362 -7.35 -23.35 11.49
N MET A 363 -7.41 -22.14 10.94
CA MET A 363 -8.52 -21.77 10.06
C MET A 363 -7.96 -21.54 8.67
N PRO A 364 -7.64 -22.64 7.95
CA PRO A 364 -6.96 -22.43 6.66
C PRO A 364 -7.85 -21.77 5.60
N LEU A 365 -9.16 -22.04 5.62
CA LEU A 365 -10.01 -21.46 4.60
C LEU A 365 -10.14 -19.95 4.80
N LEU A 366 -10.27 -19.52 6.05
CA LEU A 366 -10.28 -18.09 6.36
C LEU A 366 -9.00 -17.43 5.82
N ASN A 367 -7.86 -18.10 6.02
CA ASN A 367 -6.59 -17.57 5.58
C ASN A 367 -6.42 -17.65 4.08
N GLN A 368 -7.17 -18.53 3.46
CA GLN A 368 -7.07 -18.64 2.02
C GLN A 368 -7.84 -17.51 1.38
N THR A 369 -8.91 -17.09 2.05
CA THR A 369 -9.73 -15.98 1.55
C THR A 369 -8.93 -14.67 1.56
N ILE A 370 -8.17 -14.44 2.62
CA ILE A 370 -7.32 -13.28 2.66
C ILE A 370 -6.23 -13.40 1.57
N LYS A 371 -5.70 -14.60 1.40
CA LYS A 371 -4.65 -14.86 0.43
C LYS A 371 -5.14 -14.57 -0.97
N GLU A 372 -6.34 -15.11 -1.27
CA GLU A 372 -6.97 -15.00 -2.58
C GLU A 372 -7.37 -13.55 -2.92
N THR A 373 -7.92 -12.83 -1.94
CA THR A 373 -8.28 -11.42 -2.10
C THR A 373 -7.05 -10.54 -2.36
N LEU A 374 -6.00 -10.78 -1.58
CA LEU A 374 -4.73 -10.13 -1.77
C LEU A 374 -4.13 -10.48 -3.13
N ARG A 375 -4.57 -11.60 -3.72
CA ARG A 375 -4.11 -11.94 -5.06
C ARG A 375 -4.86 -11.14 -6.11
N MET A 376 -6.18 -11.06 -5.99
CA MET A 376 -6.95 -10.32 -6.97
C MET A 376 -6.90 -8.81 -6.75
N HIS A 377 -6.53 -8.40 -5.55
CA HIS A 377 -6.54 -6.99 -5.20
C HIS A 377 -5.30 -6.56 -4.43
N HIS A 378 -4.18 -6.42 -5.11
CA HIS A 378 -2.97 -5.93 -4.47
C HIS A 378 -3.17 -4.47 -4.24
N PRO A 379 -3.00 -4.03 -2.99
CA PRO A 379 -3.20 -2.64 -2.53
C PRO A 379 -2.35 -1.65 -3.31
N LEU A 380 -1.20 -2.11 -3.80
CA LEU A 380 -0.28 -1.24 -4.50
C LEU A 380 -0.02 -1.79 -5.89
N HIS A 381 -0.59 -1.17 -6.91
CA HIS A 381 -0.41 -1.68 -8.26
C HIS A 381 1.00 -1.42 -8.79
N SER A 382 1.76 -0.59 -8.11
CA SER A 382 3.05 -0.17 -8.63
C SER A 382 4.03 0.11 -7.52
N LEU A 383 5.20 -0.49 -7.57
CA LEU A 383 6.23 -0.11 -6.63
C LEU A 383 7.34 0.52 -7.45
N PHE A 384 7.99 1.55 -6.91
CA PHE A 384 8.99 2.31 -7.65
C PHE A 384 10.35 2.31 -7.01
N ARG A 385 11.38 2.52 -7.82
CA ARG A 385 12.70 2.89 -7.33
C ARG A 385 13.31 3.94 -8.26
N LYS A 386 14.18 4.82 -7.75
CA LYS A 386 14.97 5.67 -8.64
C LYS A 386 16.29 4.97 -8.94
N VAL A 387 16.66 4.92 -10.22
CA VAL A 387 17.91 4.27 -10.61
C VAL A 387 19.12 5.17 -10.35
N MET A 388 20.08 4.65 -9.60
CA MET A 388 21.24 5.43 -9.18
C MET A 388 22.47 5.17 -10.06
N LYS A 389 22.61 3.94 -10.54
CA LYS A 389 23.70 3.60 -11.44
C LYS A 389 23.14 2.92 -12.67
N ASP A 390 23.76 3.17 -13.83
CA ASP A 390 23.35 2.50 -15.06
C ASP A 390 23.26 0.98 -14.86
N MET A 391 22.08 0.42 -15.09
CA MET A 391 21.87 -1.01 -14.88
C MET A 391 21.77 -1.75 -16.21
N HIS A 392 22.44 -2.88 -16.32
CA HIS A 392 22.25 -3.72 -17.47
C HIS A 392 21.19 -4.76 -17.18
N VAL A 393 20.28 -4.96 -18.12
CA VAL A 393 19.26 -5.99 -17.98
C VAL A 393 19.73 -7.29 -18.61
N PRO A 394 19.93 -8.32 -17.79
CA PRO A 394 20.40 -9.64 -18.25
C PRO A 394 19.65 -10.15 -19.47
N ASN A 395 20.35 -10.90 -20.32
CA ASN A 395 19.83 -11.46 -21.56
C ASN A 395 19.25 -10.41 -22.52
N THR A 396 19.62 -9.14 -22.31
CA THR A 396 19.34 -8.10 -23.27
C THR A 396 20.59 -7.22 -23.45
N SER A 397 20.55 -6.32 -24.42
CA SER A 397 21.59 -5.30 -24.53
C SER A 397 21.12 -4.02 -23.84
N TYR A 398 19.96 -4.11 -23.18
CA TYR A 398 19.31 -2.96 -22.57
C TYR A 398 20.11 -2.33 -21.43
N VAL A 399 20.20 -1.01 -21.48
CA VAL A 399 20.78 -0.27 -20.36
C VAL A 399 19.74 0.70 -19.81
N ILE A 400 19.46 0.61 -18.51
CA ILE A 400 18.61 1.61 -17.87
C ILE A 400 19.53 2.61 -17.21
N PRO A 401 19.68 3.80 -17.84
CA PRO A 401 20.64 4.78 -17.33
C PRO A 401 20.24 5.25 -15.95
N ALA A 402 21.18 5.72 -15.15
CA ALA A 402 20.82 6.33 -13.88
C ALA A 402 19.86 7.49 -14.15
N GLY A 403 19.12 7.91 -13.11
CA GLY A 403 18.18 9.00 -13.24
C GLY A 403 16.82 8.54 -13.76
N TYR A 404 16.81 7.33 -14.32
CA TYR A 404 15.55 6.68 -14.66
C TYR A 404 14.87 6.13 -13.40
N HIS A 405 13.62 5.73 -13.58
CA HIS A 405 12.90 5.03 -12.52
C HIS A 405 12.53 3.64 -12.95
N VAL A 406 12.65 2.69 -12.03
CA VAL A 406 12.11 1.37 -12.32
C VAL A 406 10.77 1.18 -11.59
N LEU A 407 9.92 0.37 -12.20
CA LEU A 407 8.56 0.11 -11.73
C LEU A 407 8.27 -1.38 -11.78
N VAL A 408 7.97 -1.95 -10.62
CA VAL A 408 7.66 -3.37 -10.53
C VAL A 408 6.19 -3.50 -10.09
N SER A 409 5.54 -4.59 -10.51
CA SER A 409 4.10 -4.70 -10.38
C SER A 409 3.62 -6.13 -10.16
N PRO A 410 3.94 -6.72 -9.00
CA PRO A 410 3.53 -8.11 -8.73
C PRO A 410 2.02 -8.28 -8.77
N GLY A 411 1.27 -7.20 -8.52
CA GLY A 411 -0.17 -7.23 -8.62
C GLY A 411 -0.70 -7.46 -10.04
N TYR A 412 0.14 -7.21 -11.04
CA TYR A 412 -0.23 -7.50 -12.42
C TYR A 412 -0.05 -8.99 -12.75
N THR A 413 1.04 -9.58 -12.25
CA THR A 413 1.29 -11.00 -12.45
C THR A 413 0.22 -11.84 -11.76
N HIS A 414 -0.23 -11.34 -10.61
CA HIS A 414 -1.29 -11.96 -9.85
C HIS A 414 -2.53 -12.23 -10.69
N LEU A 415 -2.71 -11.39 -11.70
CA LEU A 415 -3.93 -11.40 -12.46
C LEU A 415 -3.71 -12.01 -13.83
N ARG A 416 -2.60 -12.72 -13.99
CA ARG A 416 -2.30 -13.43 -15.24
C ARG A 416 -2.67 -14.94 -15.21
N ASP A 417 -3.44 -15.39 -16.20
CA ASP A 417 -3.81 -16.81 -16.30
C ASP A 417 -2.60 -17.73 -16.30
N GLU A 418 -1.57 -17.31 -17.03
CA GLU A 418 -0.31 -18.05 -17.11
C GLU A 418 0.12 -18.55 -15.73
N TYR A 419 0.04 -17.68 -14.70
CA TYR A 419 0.52 -18.09 -13.38
C TYR A 419 -0.61 -18.45 -12.43
N PHE A 420 -1.82 -18.05 -12.82
CA PHE A 420 -2.97 -18.39 -12.01
C PHE A 420 -4.11 -18.74 -12.94
N PRO A 421 -4.35 -20.05 -13.14
CA PRO A 421 -5.46 -20.49 -14.00
C PRO A 421 -6.72 -19.73 -13.61
N ASN A 422 -7.44 -19.16 -14.58
CA ASN A 422 -8.65 -18.38 -14.33
C ASN A 422 -8.39 -17.27 -13.34
N ALA A 423 -7.40 -16.45 -13.66
CA ALA A 423 -6.89 -15.44 -12.74
C ALA A 423 -8.00 -14.50 -12.26
N HIS A 424 -9.01 -14.30 -13.09
CA HIS A 424 -10.03 -13.31 -12.80
C HIS A 424 -11.20 -13.91 -12.04
N GLN A 425 -11.09 -15.18 -11.67
CA GLN A 425 -12.10 -15.80 -10.84
C GLN A 425 -11.64 -15.85 -9.38
N PHE A 426 -12.56 -15.55 -8.47
CA PHE A 426 -12.27 -15.58 -7.06
C PHE A 426 -12.47 -17.00 -6.54
N ASN A 427 -11.36 -17.61 -6.14
CA ASN A 427 -11.38 -19.03 -5.82
C ASN A 427 -10.37 -19.31 -4.70
N ILE A 428 -10.86 -19.43 -3.47
CA ILE A 428 -9.98 -19.56 -2.32
C ILE A 428 -9.38 -20.96 -2.31
N HIS A 429 -9.97 -21.85 -3.09
CA HIS A 429 -9.50 -23.24 -3.11
C HIS A 429 -8.27 -23.42 -3.96
N ARG A 430 -7.95 -22.44 -4.79
CA ARG A 430 -6.67 -22.47 -5.50
C ARG A 430 -5.51 -22.48 -4.49
N TRP A 431 -5.78 -22.18 -3.23
CA TRP A 431 -4.74 -22.21 -2.20
C TRP A 431 -4.90 -23.36 -1.19
N ASN A 432 -5.65 -24.41 -1.54
CA ASN A 432 -5.74 -25.64 -0.71
C ASN A 432 -4.36 -26.20 -0.35
N ASN A 433 -4.18 -26.50 0.93
CA ASN A 433 -2.90 -26.95 1.48
C ASN A 433 -1.78 -25.98 1.05
N ASP A 434 -2.05 -24.69 1.25
CA ASP A 434 -1.20 -23.61 0.74
C ASP A 434 -1.74 -22.28 1.25
N SER A 435 -1.94 -22.19 2.56
CA SER A 435 -2.67 -21.05 3.11
C SER A 435 -1.80 -19.99 3.78
N ALA A 436 -0.51 -20.25 3.90
CA ALA A 436 0.38 -19.30 4.61
C ALA A 436 0.41 -17.96 3.92
N SER A 437 0.59 -16.90 4.71
CA SER A 437 0.62 -15.52 4.21
C SER A 437 1.57 -15.41 3.01
N SER A 438 2.66 -16.15 3.15
CA SER A 438 3.71 -16.30 2.13
C SER A 438 4.66 -17.38 2.66
N TYR A 439 5.61 -17.81 1.84
CA TYR A 439 6.71 -18.63 2.36
C TYR A 439 7.92 -18.65 1.43
N SER A 440 9.10 -18.66 2.05
CA SER A 440 10.38 -18.75 1.34
C SER A 440 10.60 -20.14 0.70
N VAL A 441 10.57 -20.18 -0.62
CA VAL A 441 10.73 -21.43 -1.36
C VAL A 441 12.19 -21.88 -1.38
N GLY A 442 12.91 -21.67 -0.27
CA GLY A 442 14.30 -22.07 -0.20
C GLY A 442 15.19 -21.25 0.71
N GLU A 443 16.24 -20.69 0.10
CA GLU A 443 17.27 -19.99 0.85
C GLU A 443 16.86 -18.59 1.25
N GLU A 444 17.49 -18.11 2.30
CA GLU A 444 17.15 -16.82 2.89
C GLU A 444 18.33 -15.87 2.92
N VAL A 445 18.08 -14.67 3.44
CA VAL A 445 19.06 -13.61 3.49
C VAL A 445 18.53 -12.58 4.50
N ASP A 446 19.42 -11.80 5.10
CA ASP A 446 19.05 -10.96 6.21
C ASP A 446 19.64 -9.57 6.00
N TYR A 447 18.77 -8.56 6.03
CA TYR A 447 19.13 -7.23 5.61
C TYR A 447 19.22 -6.28 6.79
N GLY A 448 19.06 -6.82 8.00
CA GLY A 448 18.91 -6.02 9.20
C GLY A 448 17.62 -6.24 9.98
N PHE A 449 16.63 -6.89 9.37
CA PHE A 449 15.37 -7.12 10.07
C PHE A 449 14.95 -8.59 10.00
N GLY A 450 15.94 -9.47 9.90
CA GLY A 450 15.63 -10.89 10.00
C GLY A 450 15.68 -11.62 8.67
N ALA A 451 15.72 -12.95 8.73
CA ALA A 451 15.86 -13.77 7.55
C ALA A 451 14.59 -13.84 6.70
N ILE A 452 14.68 -13.29 5.50
CA ILE A 452 13.61 -13.34 4.54
C ILE A 452 14.07 -14.09 3.31
N SER A 453 13.14 -14.54 2.48
CA SER A 453 13.48 -15.26 1.25
C SER A 453 14.51 -14.50 0.42
N LYS A 454 15.47 -15.24 -0.14
CA LYS A 454 16.47 -14.63 -1.01
C LYS A 454 15.96 -14.45 -2.42
N GLY A 455 15.30 -15.49 -2.95
CA GLY A 455 14.72 -15.36 -4.28
C GLY A 455 13.43 -14.56 -4.18
N VAL A 456 13.14 -13.77 -5.21
CA VAL A 456 11.84 -13.11 -5.27
C VAL A 456 11.20 -13.37 -6.63
N SER A 457 11.23 -14.64 -7.05
CA SER A 457 10.72 -15.01 -8.36
C SER A 457 9.36 -15.67 -8.27
N SER A 458 8.84 -15.77 -7.06
CA SER A 458 7.50 -16.28 -6.83
C SER A 458 6.49 -15.40 -7.59
N PRO A 459 5.60 -16.04 -8.38
CA PRO A 459 4.62 -15.21 -9.10
C PRO A 459 3.54 -14.61 -8.19
N TYR A 460 3.39 -15.12 -6.96
CA TYR A 460 2.53 -14.48 -5.95
C TYR A 460 3.45 -13.76 -4.95
N LEU A 461 3.51 -12.44 -5.08
CA LEU A 461 4.46 -11.67 -4.28
C LEU A 461 3.81 -10.47 -3.54
N PRO A 462 2.71 -10.72 -2.80
CA PRO A 462 1.88 -9.63 -2.27
C PRO A 462 2.62 -8.63 -1.36
N PHE A 463 3.68 -9.08 -0.74
CA PHE A 463 4.35 -8.26 0.23
C PHE A 463 5.73 -7.83 -0.26
N GLY A 464 5.95 -7.98 -1.56
CA GLY A 464 7.23 -7.79 -2.20
C GLY A 464 8.36 -8.69 -1.69
N GLY A 465 9.57 -8.18 -1.85
CA GLY A 465 10.74 -8.85 -1.33
C GLY A 465 11.94 -7.94 -1.42
N GLY A 466 13.08 -8.48 -1.02
CA GLY A 466 14.28 -7.68 -1.00
C GLY A 466 14.32 -6.89 0.28
N ARG A 467 15.17 -5.88 0.30
CA ARG A 467 15.44 -5.15 1.52
C ARG A 467 14.22 -4.36 1.93
N HIS A 468 13.38 -4.02 0.95
CA HIS A 468 12.22 -3.19 1.21
C HIS A 468 10.95 -4.01 1.46
N ARG A 469 11.11 -5.32 1.64
CA ARG A 469 9.96 -6.20 1.85
C ARG A 469 9.17 -5.79 3.11
N CYS A 470 7.86 -5.98 3.03
CA CYS A 470 6.94 -5.74 4.14
C CYS A 470 7.30 -6.52 5.39
N ILE A 471 7.10 -5.88 6.54
CA ILE A 471 7.27 -6.56 7.82
C ILE A 471 5.95 -6.66 8.56
N GLY A 472 4.85 -6.24 7.94
CA GLY A 472 3.55 -6.32 8.58
C GLY A 472 2.60 -7.43 8.15
N GLU A 473 3.09 -8.44 7.44
CA GLU A 473 2.17 -9.43 6.86
C GLU A 473 1.45 -10.19 7.99
N HIS A 474 2.18 -10.57 9.03
CA HIS A 474 1.58 -11.34 10.08
C HIS A 474 0.68 -10.49 10.95
N PHE A 475 0.96 -9.19 11.01
CA PHE A 475 0.01 -8.32 11.69
C PHE A 475 -1.26 -8.19 10.87
N ALA A 476 -1.12 -7.86 9.58
CA ALA A 476 -2.27 -7.73 8.70
C ALA A 476 -3.18 -8.98 8.78
N TYR A 477 -2.58 -10.18 8.65
CA TYR A 477 -3.34 -11.42 8.70
C TYR A 477 -4.02 -11.58 10.06
N CYS A 478 -3.32 -11.20 11.12
CA CYS A 478 -3.90 -11.33 12.47
C CYS A 478 -5.15 -10.49 12.60
N GLN A 479 -5.03 -9.22 12.22
CA GLN A 479 -6.10 -8.23 12.27
C GLN A 479 -7.22 -8.65 11.33
N LEU A 480 -6.86 -8.95 10.08
CA LEU A 480 -7.82 -9.39 9.09
C LEU A 480 -8.45 -10.71 9.53
N GLY A 481 -7.65 -11.55 10.17
CA GLY A 481 -8.14 -12.81 10.69
C GLY A 481 -9.21 -12.66 11.74
N VAL A 482 -8.93 -11.86 12.77
CA VAL A 482 -9.91 -11.64 13.83
C VAL A 482 -11.17 -10.96 13.24
N LEU A 483 -10.94 -9.89 12.50
CA LEU A 483 -12.02 -9.13 11.86
C LEU A 483 -12.96 -10.01 11.03
N MET A 484 -12.38 -10.83 10.16
CA MET A 484 -13.22 -11.68 9.30
C MET A 484 -13.85 -12.82 10.08
N SER A 485 -13.09 -13.49 10.95
CA SER A 485 -13.65 -14.51 11.83
C SER A 485 -14.98 -14.09 12.48
N ILE A 486 -15.01 -12.85 13.00
CA ILE A 486 -16.14 -12.29 13.71
C ILE A 486 -17.29 -11.89 12.79
N PHE A 487 -16.97 -11.27 11.67
CA PHE A 487 -17.96 -10.97 10.66
C PHE A 487 -18.71 -12.23 10.30
N ILE A 488 -17.93 -13.27 9.96
CA ILE A 488 -18.45 -14.55 9.55
C ILE A 488 -19.38 -15.16 10.59
N ARG A 489 -18.94 -15.22 11.85
CA ARG A 489 -19.78 -15.85 12.86
C ARG A 489 -21.03 -15.05 13.21
N THR A 490 -20.98 -13.74 13.01
CA THR A 490 -22.06 -12.86 13.43
C THR A 490 -23.05 -12.53 12.31
N LEU A 491 -22.54 -12.34 11.11
CA LEU A 491 -23.37 -11.85 10.03
C LEU A 491 -23.37 -12.73 8.79
N LYS A 492 -24.49 -12.72 8.09
CA LYS A 492 -24.51 -12.99 6.66
C LYS A 492 -24.55 -11.64 5.96
N TRP A 493 -24.10 -11.58 4.72
CA TRP A 493 -24.27 -10.35 3.97
C TRP A 493 -24.32 -10.66 2.47
N HIS A 494 -24.96 -9.76 1.73
CA HIS A 494 -25.14 -9.88 0.27
C HIS A 494 -25.20 -8.50 -0.35
N TYR A 495 -25.29 -8.44 -1.67
CA TYR A 495 -25.43 -7.20 -2.44
C TYR A 495 -26.89 -6.69 -2.54
N PRO A 496 -27.05 -5.38 -2.75
CA PRO A 496 -28.38 -4.88 -3.10
C PRO A 496 -28.71 -5.37 -4.51
N GLU A 497 -29.97 -5.34 -4.90
CA GLU A 497 -30.39 -5.82 -6.22
C GLU A 497 -29.56 -5.25 -7.37
N GLY A 498 -29.09 -6.13 -8.26
CA GLY A 498 -28.32 -5.74 -9.43
C GLY A 498 -26.92 -5.16 -9.20
N LYS A 499 -26.46 -5.17 -7.96
CA LYS A 499 -25.11 -4.70 -7.59
C LYS A 499 -24.14 -5.88 -7.48
N THR A 500 -22.92 -5.69 -7.98
CA THR A 500 -21.87 -6.72 -7.91
C THR A 500 -20.53 -6.09 -7.49
N VAL A 501 -19.43 -6.81 -7.68
CA VAL A 501 -18.13 -6.32 -7.25
C VAL A 501 -17.76 -5.05 -8.01
N PRO A 502 -17.40 -4.00 -7.28
CA PRO A 502 -16.96 -2.78 -7.97
C PRO A 502 -15.58 -2.92 -8.61
N PRO A 503 -15.33 -2.15 -9.68
CA PRO A 503 -13.99 -2.11 -10.28
C PRO A 503 -13.07 -1.26 -9.42
N PRO A 504 -11.77 -1.58 -9.46
CA PRO A 504 -10.90 -0.87 -8.51
C PRO A 504 -10.68 0.56 -8.96
N ASP A 505 -10.61 1.48 -8.01
CA ASP A 505 -10.23 2.84 -8.29
C ASP A 505 -8.70 2.98 -8.16
N PHE A 506 -8.03 3.01 -9.30
CA PHE A 506 -6.58 2.91 -9.33
C PHE A 506 -5.86 4.23 -9.06
N THR A 507 -6.60 5.33 -9.14
CA THR A 507 -5.97 6.64 -9.12
C THR A 507 -5.52 7.04 -7.73
N SER A 508 -6.12 6.45 -6.71
CA SER A 508 -5.81 6.77 -5.31
C SER A 508 -4.52 6.10 -4.88
N MET A 509 -4.23 6.14 -3.58
CA MET A 509 -3.00 5.54 -3.08
C MET A 509 -3.03 4.00 -3.20
N VAL A 510 -4.11 3.39 -2.70
CA VAL A 510 -4.28 1.95 -2.77
C VAL A 510 -5.40 1.60 -3.74
N THR A 511 -5.35 0.41 -4.32
CA THR A 511 -6.33 0.06 -5.35
C THR A 511 -7.70 -0.19 -4.73
N LEU A 512 -8.14 0.68 -3.83
CA LEU A 512 -9.45 0.51 -3.16
C LEU A 512 -10.60 0.47 -4.17
N PRO A 513 -11.73 -0.16 -3.81
CA PRO A 513 -12.91 -0.26 -4.68
C PRO A 513 -13.56 1.09 -4.97
N THR A 514 -14.24 1.17 -6.12
CA THR A 514 -14.93 2.39 -6.50
C THR A 514 -16.26 2.49 -5.79
N GLY A 515 -16.30 3.32 -4.75
CA GLY A 515 -17.50 3.52 -3.96
C GLY A 515 -18.57 4.34 -4.66
N PRO A 516 -19.77 4.42 -4.06
CA PRO A 516 -20.11 3.66 -2.86
C PRO A 516 -20.27 2.17 -3.18
N ALA A 517 -19.64 1.36 -2.34
CA ALA A 517 -19.71 -0.09 -2.47
C ALA A 517 -20.48 -0.57 -1.28
N LYS A 518 -21.77 -0.85 -1.49
CA LYS A 518 -22.69 -1.17 -0.39
C LYS A 518 -23.00 -2.64 -0.35
N ILE A 519 -23.12 -3.18 0.87
CA ILE A 519 -23.65 -4.53 1.08
C ILE A 519 -24.71 -4.50 2.19
N ILE A 520 -25.62 -5.47 2.16
CA ILE A 520 -26.66 -5.59 3.17
C ILE A 520 -26.29 -6.70 4.15
N TRP A 521 -26.14 -6.35 5.42
CA TRP A 521 -25.93 -7.37 6.42
C TRP A 521 -27.21 -7.78 7.10
N GLU A 522 -27.24 -9.04 7.55
CA GLU A 522 -28.25 -9.48 8.50
C GLU A 522 -27.60 -10.33 9.58
N LYS A 523 -28.16 -10.28 10.79
CA LYS A 523 -27.66 -11.05 11.91
C LYS A 523 -27.93 -12.54 11.74
N ARG A 524 -26.97 -13.35 12.14
CA ARG A 524 -27.09 -14.78 12.05
C ARG A 524 -27.95 -15.23 13.20
N ASN A 525 -27.90 -14.41 14.23
CA ASN A 525 -28.64 -14.66 15.45
C ASN A 525 -29.23 -13.32 15.93
N PRO A 526 -30.42 -12.99 15.40
CA PRO A 526 -31.10 -11.70 15.59
C PRO A 526 -31.14 -11.31 17.06
N GLU A 527 -31.30 -12.32 17.91
CA GLU A 527 -31.51 -12.10 19.33
C GLU A 527 -30.22 -12.10 20.12
N GLN A 528 -29.10 -12.31 19.44
CA GLN A 528 -27.80 -12.17 20.10
C GLN A 528 -27.57 -10.71 20.52
N LYS A 529 -27.06 -10.52 21.73
CA LYS A 529 -26.71 -9.19 22.20
C LYS A 529 -25.23 -9.12 22.56
N ILE A 530 -24.52 -8.19 21.93
CA ILE A 530 -23.17 -7.86 22.37
C ILE A 530 -23.23 -7.09 23.70
N GLY A 531 -22.48 -7.56 24.69
CA GLY A 531 -22.55 -6.99 26.04
C GLY A 531 -21.71 -5.75 26.27
N GLY A 532 -21.55 -5.35 27.54
CA GLY A 532 -20.75 -4.19 27.89
C GLY A 532 -21.55 -2.93 28.21
CHA HEM B . 6.55 -2.75 2.56
CHB HEM B . 2.35 -4.67 0.95
CHC HEM B . 0.53 -4.30 5.43
CHD HEM B . 4.53 -2.11 6.92
C1A HEM B . 5.58 -3.30 1.77
C2A HEM B . 5.75 -3.62 0.37
C3A HEM B . 4.60 -4.16 -0.08
C4A HEM B . 3.64 -4.20 1.02
CMA HEM B . 4.30 -4.63 -1.51
CAA HEM B . 7.06 -3.36 -0.39
CBA HEM B . 7.07 -1.95 -1.00
CGA HEM B . 8.27 -1.75 -1.91
O1A HEM B . 8.41 -0.66 -2.56
O2A HEM B . 9.10 -2.67 -2.01
C1B HEM B . 1.51 -4.77 2.05
C2B HEM B . 0.22 -5.42 2.08
C3B HEM B . -0.27 -5.30 3.33
C4B HEM B . 0.71 -4.59 4.10
CMB HEM B . -0.43 -6.11 0.84
CAB HEM B . -1.60 -5.77 4.00
CBB HEM B . -2.57 -6.42 3.36
C1C HEM B . 1.44 -3.70 6.25
C2C HEM B . 1.32 -3.47 7.67
C3C HEM B . 2.44 -2.85 8.07
C4C HEM B . 3.28 -2.68 6.92
CMC HEM B . 0.10 -3.87 8.54
CAC HEM B . 2.84 -2.42 9.49
CBC HEM B . 2.49 -3.14 10.56
C1D HEM B . 5.45 -2.13 5.91
C2D HEM B . 6.80 -1.65 6.07
C3D HEM B . 7.46 -1.84 4.70
C4D HEM B . 6.42 -2.42 3.88
CMD HEM B . 7.44 -1.06 7.36
CAD HEM B . 8.93 -1.50 4.37
CBD HEM B . 9.14 -0.70 3.08
CGD HEM B . 10.62 -0.43 2.93
O1D HEM B . 11.43 -0.96 3.75
O2D HEM B . 10.96 0.30 1.98
NA HEM B . 4.27 -3.66 2.14
NB HEM B . 1.78 -4.27 3.31
NC HEM B . 2.66 -3.20 5.81
ND HEM B . 5.26 -2.57 4.62
FE HEM B . 3.56 -3.49 3.96
C1 TBX C . 7.43 2.56 6.06
C2 TBX C . 6.72 2.59 4.85
C3 TBX C . 5.34 2.41 4.83
C4 TBX C . 4.69 2.15 6.02
C5 TBX C . 5.37 2.12 7.23
C6 TBX C . 6.73 2.33 7.22
CL1 TBX C . 7.62 2.16 8.70
C12 TBX C . 4.54 2.64 3.58
C15 TBX C . 5.23 2.14 2.32
C18 TBX C . 4.34 2.03 1.07
C19 TBX C . 2.90 1.65 1.29
N22 TBX C . 2.72 0.54 2.20
C23 TBX C . 3.15 -0.72 2.08
N24 TBX C . 2.86 -1.41 3.15
C25 TBX C . 2.22 -0.50 3.92
N26 TBX C . 2.11 0.69 3.39
O29 TBX C . 4.98 0.94 0.41
C31 TBX C . 4.37 3.19 0.12
C32 TBX C . 3.83 2.76 -1.26
C36 TBX C . 3.50 4.35 0.64
C40 TBX C . 5.79 3.74 -0.06
#